data_3W1O
#
_entry.id   3W1O
#
_cell.length_a   112.519
_cell.length_b   112.519
_cell.length_c   57.128
_cell.angle_alpha   90.00
_cell.angle_beta   90.00
_cell.angle_gamma   90.00
#
_symmetry.space_group_name_H-M   'I 4'
#
loop_
_entity.id
_entity.type
_entity.pdbx_description
1 polymer 'DNA mimic protein DMP12'
2 non-polymer 'MAGNESIUM ION'
3 water water
#
_entity_poly.entity_id   1
_entity_poly.type   'polypeptide(L)'
_entity_poly.pdbx_seq_one_letter_code
;HMNEHNLLIFCLKDNVSISEYTEMIDWAYKNIQSETVVEITENQIIEYQNRGLWRLVSEITDNWLFGPSEGDWLIDKESI
LAVKEKLQNSDFSTEPLVKNIIHVLEYAIKNEKTVIFHF
;
_entity_poly.pdbx_strand_id   A,B
#
loop_
_chem_comp.id
_chem_comp.type
_chem_comp.name
_chem_comp.formula
MG non-polymer 'MAGNESIUM ION' 'Mg 2'
#
# COMPACT_ATOMS: atom_id res chain seq x y z
N HIS A 5 -10.85 -19.06 0.67
CA HIS A 5 -10.30 -17.93 -0.16
C HIS A 5 -8.77 -17.99 -0.26
N ASN A 6 -8.24 -18.37 -1.44
CA ASN A 6 -6.79 -18.59 -1.60
C ASN A 6 -5.97 -17.35 -1.23
N LEU A 7 -4.74 -17.56 -0.84
CA LEU A 7 -3.74 -16.50 -0.61
C LEU A 7 -3.48 -15.79 -1.90
N LEU A 8 -3.44 -14.45 -1.85
CA LEU A 8 -3.08 -13.70 -3.06
C LEU A 8 -1.82 -12.91 -2.80
N ILE A 9 -0.98 -12.85 -3.82
CA ILE A 9 0.12 -11.86 -3.82
C ILE A 9 -0.15 -11.08 -5.08
N PHE A 10 -0.35 -9.78 -4.98
CA PHE A 10 -0.72 -9.06 -6.19
C PHE A 10 -0.39 -7.56 -6.14
N CYS A 11 -0.51 -6.94 -7.31
CA CYS A 11 -0.64 -5.47 -7.39
C CYS A 11 -1.74 -5.18 -8.37
N LEU A 12 -2.25 -3.95 -8.36
CA LEU A 12 -3.16 -3.52 -9.37
C LEU A 12 -2.45 -3.41 -10.70
N LYS A 13 -3.24 -3.56 -11.74
CA LYS A 13 -2.80 -3.27 -13.09
C LYS A 13 -2.54 -1.78 -13.32
N ASP A 14 -1.69 -1.52 -14.30
CA ASP A 14 -1.32 -0.20 -14.78
C ASP A 14 -2.51 0.76 -14.80
N ASN A 15 -3.62 0.40 -15.43
CA ASN A 15 -4.57 1.53 -15.49
C ASN A 15 -5.79 1.37 -14.59
N VAL A 16 -5.53 0.82 -13.41
CA VAL A 16 -6.50 0.57 -12.38
C VAL A 16 -5.96 1.34 -11.17
N SER A 17 -6.75 2.31 -10.72
CA SER A 17 -6.53 2.92 -9.44
C SER A 17 -7.85 2.78 -8.67
N ILE A 18 -7.75 1.97 -7.65
CA ILE A 18 -8.80 1.72 -6.73
C ILE A 18 -8.06 2.03 -5.45
N SER A 19 -8.53 2.98 -4.65
CA SER A 19 -7.80 3.26 -3.44
C SER A 19 -8.40 2.61 -2.19
N GLU A 20 -9.69 2.31 -2.21
CA GLU A 20 -10.25 1.71 -1.00
C GLU A 20 -9.72 0.28 -0.88
N TYR A 21 -9.17 -0.04 0.29
CA TYR A 21 -8.41 -1.29 0.44
C TYR A 21 -9.30 -2.51 0.18
N THR A 22 -10.50 -2.52 0.78
CA THR A 22 -11.41 -3.67 0.62
C THR A 22 -11.74 -3.87 -0.86
N GLU A 23 -11.95 -2.75 -1.53
CA GLU A 23 -12.20 -2.73 -2.97
C GLU A 23 -11.00 -3.24 -3.80
N MET A 24 -9.76 -2.99 -3.36
CA MET A 24 -8.56 -3.53 -4.06
C MET A 24 -8.54 -5.04 -3.93
N ILE A 25 -8.87 -5.52 -2.73
CA ILE A 25 -8.88 -6.99 -2.50
C ILE A 25 -9.97 -7.63 -3.36
N ASP A 26 -11.14 -7.00 -3.38
CA ASP A 26 -12.23 -7.47 -4.22
C ASP A 26 -11.78 -7.51 -5.68
N TRP A 27 -11.11 -6.46 -6.15
CA TRP A 27 -10.56 -6.41 -7.50
C TRP A 27 -9.66 -7.62 -7.75
N ALA A 28 -8.76 -7.93 -6.80
CA ALA A 28 -7.80 -9.01 -7.04
C ALA A 28 -8.54 -10.36 -7.20
N TYR A 29 -9.49 -10.62 -6.30
CA TYR A 29 -10.24 -11.90 -6.36
C TYR A 29 -11.07 -11.99 -7.61
N LYS A 30 -11.50 -10.84 -8.13
CA LYS A 30 -12.20 -10.75 -9.44
C LYS A 30 -11.30 -10.74 -10.67
N ASN A 31 -10.00 -10.60 -10.48
CA ASN A 31 -9.06 -10.52 -11.61
C ASN A 31 -7.93 -11.51 -11.48
N ILE A 32 -8.30 -12.70 -11.05
CA ILE A 32 -7.30 -13.77 -10.94
C ILE A 32 -6.68 -14.05 -12.32
N GLN A 33 -7.31 -13.64 -13.40
CA GLN A 33 -6.65 -13.86 -14.70
C GLN A 33 -5.46 -12.92 -14.87
N SER A 34 -5.42 -11.82 -14.08
CA SER A 34 -4.34 -10.85 -14.26
C SER A 34 -2.92 -11.41 -14.03
N GLU A 35 -1.98 -11.00 -14.88
CA GLU A 35 -0.58 -11.27 -14.70
C GLU A 35 -0.07 -10.62 -13.40
N THR A 36 -0.86 -9.71 -12.83
CA THR A 36 -0.42 -8.98 -11.61
C THR A 36 -0.91 -9.67 -10.35
N VAL A 37 -1.61 -10.80 -10.51
CA VAL A 37 -2.21 -11.48 -9.36
C VAL A 37 -1.67 -12.88 -9.34
N VAL A 38 -1.12 -13.29 -8.20
CA VAL A 38 -0.77 -14.68 -8.04
C VAL A 38 -1.75 -15.29 -7.01
N GLU A 39 -2.48 -16.32 -7.39
CA GLU A 39 -3.34 -17.04 -6.48
C GLU A 39 -2.58 -18.27 -6.02
N ILE A 40 -2.54 -18.53 -4.71
CA ILE A 40 -1.69 -19.58 -4.18
C ILE A 40 -2.55 -20.51 -3.35
N THR A 41 -2.55 -21.79 -3.69
CA THR A 41 -3.46 -22.68 -3.00
C THR A 41 -2.85 -23.21 -1.71
N GLU A 42 -3.67 -23.81 -0.86
CA GLU A 42 -3.12 -24.52 0.31
C GLU A 42 -1.99 -25.49 -0.06
N ASN A 43 -2.16 -26.26 -1.12
CA ASN A 43 -1.14 -27.27 -1.43
C ASN A 43 0.15 -26.61 -1.88
N GLN A 44 0.04 -25.49 -2.59
CA GLN A 44 1.24 -24.71 -2.93
C GLN A 44 1.86 -24.13 -1.67
N ILE A 45 1.04 -23.63 -0.76
CA ILE A 45 1.58 -23.03 0.47
C ILE A 45 2.41 -24.10 1.18
N ILE A 46 1.88 -25.30 1.28
CA ILE A 46 2.59 -26.34 2.04
C ILE A 46 3.82 -26.80 1.31
N GLU A 47 3.67 -27.02 0.00
CA GLU A 47 4.80 -27.46 -0.79
C GLU A 47 5.98 -26.51 -0.63
N TYR A 48 5.71 -25.23 -0.79
CA TYR A 48 6.73 -24.20 -0.71
C TYR A 48 7.19 -23.80 0.68
N GLN A 49 6.34 -23.95 1.68
CA GLN A 49 6.78 -23.83 3.08
C GLN A 49 7.93 -24.82 3.32
N ASN A 50 7.69 -26.08 2.99
CA ASN A 50 8.67 -27.13 3.29
C ASN A 50 9.92 -27.04 2.42
N ARG A 51 9.88 -26.21 1.39
CA ARG A 51 11.07 -25.97 0.59
C ARG A 51 11.78 -24.68 0.90
N GLY A 52 11.17 -23.91 1.78
CA GLY A 52 11.82 -22.71 2.30
C GLY A 52 11.50 -21.40 1.57
N LEU A 53 10.48 -21.39 0.71
CA LEU A 53 10.09 -20.20 -0.01
C LEU A 53 9.65 -19.04 0.94
N TRP A 54 8.80 -19.34 1.92
CA TRP A 54 8.24 -18.27 2.73
C TRP A 54 9.32 -17.79 3.66
N ARG A 55 10.16 -18.70 4.12
CA ARG A 55 11.33 -18.28 4.91
C ARG A 55 12.25 -17.30 4.14
N LEU A 56 12.39 -17.51 2.84
CA LEU A 56 13.16 -16.60 2.02
C LEU A 56 12.54 -15.25 2.00
N VAL A 57 11.21 -15.19 1.83
CA VAL A 57 10.47 -13.95 1.85
C VAL A 57 10.62 -13.27 3.22
N SER A 58 10.55 -14.09 4.27
CA SER A 58 10.59 -13.58 5.64
C SER A 58 11.93 -12.91 5.97
N GLU A 59 12.98 -13.28 5.24
CA GLU A 59 14.30 -12.66 5.44
C GLU A 59 14.29 -11.17 5.17
N ILE A 60 13.39 -10.71 4.28
CA ILE A 60 13.20 -9.32 3.99
C ILE A 60 12.06 -8.73 4.81
N THR A 61 10.92 -9.42 4.91
CA THR A 61 9.72 -8.78 5.45
C THR A 61 9.59 -8.98 6.95
N ASP A 62 10.29 -9.98 7.44
CA ASP A 62 10.20 -10.42 8.83
C ASP A 62 8.84 -10.90 9.22
N ASN A 63 8.07 -11.31 8.23
CA ASN A 63 6.76 -11.87 8.45
C ASN A 63 6.75 -13.25 7.83
N TRP A 64 5.70 -14.05 8.08
CA TRP A 64 5.58 -15.41 7.55
C TRP A 64 6.79 -16.29 7.89
N LEU A 65 7.33 -16.12 9.08
CA LEU A 65 8.46 -16.94 9.51
C LEU A 65 8.04 -18.43 9.49
N PHE A 66 6.76 -18.67 9.79
CA PHE A 66 6.19 -20.02 9.73
C PHE A 66 5.20 -20.19 8.60
N GLY A 67 5.33 -19.36 7.58
CA GLY A 67 4.44 -19.40 6.46
C GLY A 67 3.29 -18.42 6.61
N PRO A 68 2.48 -18.31 5.57
CA PRO A 68 1.39 -17.37 5.54
C PRO A 68 0.28 -17.76 6.50
N SER A 69 -0.49 -16.76 6.89
CA SER A 69 -1.65 -16.95 7.73
C SER A 69 -2.64 -15.86 7.33
N GLU A 70 -3.83 -15.83 7.93
CA GLU A 70 -4.80 -14.81 7.61
C GLU A 70 -4.22 -13.43 7.97
N GLY A 71 -4.38 -12.48 7.05
CA GLY A 71 -3.89 -11.11 7.30
C GLY A 71 -3.62 -10.35 6.03
N ASP A 72 -3.04 -9.16 6.16
CA ASP A 72 -2.78 -8.33 5.00
C ASP A 72 -1.44 -7.72 5.17
N TRP A 73 -0.65 -7.69 4.10
CA TRP A 73 0.74 -7.25 4.20
C TRP A 73 1.00 -6.41 2.97
N LEU A 74 1.73 -5.33 3.14
CA LEU A 74 1.91 -4.40 2.01
C LEU A 74 3.37 -4.23 1.87
N ILE A 75 3.91 -4.36 0.64
CA ILE A 75 5.36 -4.47 0.39
C ILE A 75 5.68 -3.22 -0.43
N ASP A 76 6.64 -2.41 0.05
CA ASP A 76 7.02 -1.19 -0.62
C ASP A 76 8.17 -1.47 -1.62
N LYS A 77 8.46 -0.50 -2.49
CA LYS A 77 9.50 -0.69 -3.52
C LYS A 77 10.81 -1.28 -2.99
N GLU A 78 11.34 -0.72 -1.91
CA GLU A 78 12.58 -1.24 -1.33
C GLU A 78 12.50 -2.75 -1.07
N SER A 79 11.42 -3.15 -0.38
CA SER A 79 11.24 -4.55 -0.04
C SER A 79 10.91 -5.40 -1.29
N ILE A 80 10.16 -4.82 -2.23
CA ILE A 80 9.84 -5.52 -3.50
C ILE A 80 11.13 -5.94 -4.21
N LEU A 81 12.06 -5.00 -4.33
CA LEU A 81 13.33 -5.27 -4.98
C LEU A 81 14.11 -6.28 -4.21
N ALA A 82 14.16 -6.15 -2.88
CA ALA A 82 14.91 -7.08 -2.02
C ALA A 82 14.34 -8.52 -2.11
N VAL A 83 13.02 -8.66 -2.09
CA VAL A 83 12.41 -10.00 -2.19
C VAL A 83 12.67 -10.55 -3.58
N LYS A 84 12.53 -9.69 -4.59
CA LYS A 84 12.76 -10.13 -5.97
C LYS A 84 14.16 -10.70 -6.15
N GLU A 85 15.16 -10.00 -5.58
CA GLU A 85 16.53 -10.48 -5.61
C GLU A 85 16.65 -11.85 -4.95
N LYS A 86 16.09 -12.01 -3.75
CA LYS A 86 16.13 -13.27 -2.98
C LYS A 86 15.57 -14.41 -3.87
N LEU A 87 14.44 -14.14 -4.50
CA LEU A 87 13.83 -15.20 -5.30
C LEU A 87 14.61 -15.54 -6.57
N GLN A 88 15.10 -14.51 -7.26
CA GLN A 88 15.88 -14.69 -8.50
C GLN A 88 17.16 -15.48 -8.25
N ASN A 89 17.71 -15.34 -7.03
CA ASN A 89 18.93 -16.04 -6.66
C ASN A 89 18.72 -17.37 -5.96
N SER A 90 17.45 -17.80 -5.83
CA SER A 90 17.10 -18.98 -5.04
C SER A 90 17.24 -20.27 -5.82
N ASP A 91 17.09 -21.38 -5.11
CA ASP A 91 17.18 -22.72 -5.70
C ASP A 91 15.92 -23.13 -6.49
N PHE A 92 14.85 -22.36 -6.38
CA PHE A 92 13.63 -22.66 -7.15
C PHE A 92 13.28 -21.44 -8.02
N SER A 93 14.29 -20.68 -8.42
CA SER A 93 14.02 -19.42 -9.10
C SER A 93 13.38 -19.65 -10.48
N THR A 94 13.39 -20.88 -10.97
CA THR A 94 12.75 -21.14 -12.25
C THR A 94 11.43 -21.85 -12.13
N GLU A 95 10.94 -22.07 -10.91
CA GLU A 95 9.73 -22.85 -10.79
C GLU A 95 8.55 -21.90 -10.99
N PRO A 96 7.45 -22.41 -11.58
CA PRO A 96 6.39 -21.47 -11.99
C PRO A 96 5.92 -20.57 -10.89
N LEU A 97 5.62 -21.08 -9.70
CA LEU A 97 5.08 -20.16 -8.68
C LEU A 97 6.08 -19.03 -8.37
N VAL A 98 7.36 -19.38 -8.27
CA VAL A 98 8.37 -18.39 -7.97
C VAL A 98 8.47 -17.40 -9.11
N LYS A 99 8.42 -17.89 -10.38
CA LYS A 99 8.41 -17.00 -11.51
C LYS A 99 7.21 -16.07 -11.49
N ASN A 100 6.07 -16.61 -11.10
CA ASN A 100 4.87 -15.83 -11.07
C ASN A 100 4.96 -14.71 -10.02
N ILE A 101 5.54 -15.04 -8.86
CA ILE A 101 5.67 -14.02 -7.80
C ILE A 101 6.66 -12.99 -8.29
N ILE A 102 7.76 -13.46 -8.87
CA ILE A 102 8.75 -12.52 -9.43
C ILE A 102 8.12 -11.55 -10.42
N HIS A 103 7.21 -12.08 -11.23
CA HIS A 103 6.62 -11.25 -12.25
C HIS A 103 5.77 -10.12 -11.66
N VAL A 104 4.99 -10.45 -10.64
CA VAL A 104 4.23 -9.41 -9.92
C VAL A 104 5.15 -8.35 -9.38
N LEU A 105 6.24 -8.79 -8.80
CA LEU A 105 7.23 -7.84 -8.26
C LEU A 105 7.80 -6.92 -9.37
N GLU A 106 8.21 -7.51 -10.47
CA GLU A 106 8.70 -6.70 -11.61
C GLU A 106 7.67 -5.72 -12.12
N TYR A 107 6.43 -6.16 -12.22
CA TYR A 107 5.39 -5.32 -12.74
C TYR A 107 5.21 -4.13 -11.77
N ALA A 108 5.26 -4.40 -10.49
CA ALA A 108 4.99 -3.37 -9.48
C ALA A 108 6.12 -2.38 -9.51
N ILE A 109 7.33 -2.88 -9.70
CA ILE A 109 8.48 -1.96 -9.86
C ILE A 109 8.26 -1.10 -11.07
N LYS A 110 7.97 -1.74 -12.21
CA LYS A 110 7.81 -0.99 -13.45
C LYS A 110 6.65 -0.01 -13.44
N ASN A 111 5.58 -0.34 -12.73
CA ASN A 111 4.39 0.48 -12.79
C ASN A 111 4.08 1.22 -11.49
N GLU A 112 5.05 1.24 -10.59
CA GLU A 112 5.05 1.98 -9.33
C GLU A 112 3.82 1.64 -8.48
N LYS A 113 3.68 0.36 -8.16
CA LYS A 113 2.49 -0.14 -7.43
C LYS A 113 2.98 -0.73 -6.11
N THR A 114 2.14 -0.68 -5.08
CA THR A 114 2.42 -1.44 -3.86
C THR A 114 2.01 -2.87 -4.12
N VAL A 115 2.76 -3.79 -3.57
CA VAL A 115 2.41 -5.21 -3.65
C VAL A 115 1.67 -5.61 -2.39
N ILE A 116 0.55 -6.31 -2.53
CA ILE A 116 -0.21 -6.78 -1.36
C ILE A 116 -0.11 -8.29 -1.22
N PHE A 117 0.07 -8.76 0.02
CA PHE A 117 -0.16 -10.16 0.29
C PHE A 117 -1.46 -10.20 1.07
N HIS A 118 -2.43 -10.97 0.63
CA HIS A 118 -3.73 -11.05 1.33
C HIS A 118 -4.17 -12.50 1.55
N PHE A 119 -4.60 -12.83 2.76
CA PHE A 119 -5.08 -14.20 3.00
C PHE A 119 -6.15 -14.06 4.08
N HIS B 5 -7.95 6.19 16.78
CA HIS B 5 -8.69 7.49 16.99
C HIS B 5 -8.89 8.33 15.72
N ASN B 6 -8.20 9.48 15.65
CA ASN B 6 -8.37 10.49 14.61
C ASN B 6 -8.01 9.92 13.25
N LEU B 7 -8.45 10.59 12.19
CA LEU B 7 -8.07 10.21 10.81
C LEU B 7 -6.59 10.43 10.63
N LEU B 8 -5.90 9.47 10.01
CA LEU B 8 -4.49 9.66 9.69
C LEU B 8 -4.27 9.57 8.19
N ILE B 9 -3.41 10.44 7.69
CA ILE B 9 -2.93 10.32 6.31
C ILE B 9 -1.42 10.21 6.52
N PHE B 10 -0.81 9.13 6.07
CA PHE B 10 0.61 8.95 6.42
C PHE B 10 1.32 8.08 5.43
N CYS B 11 2.64 8.07 5.57
CA CYS B 11 3.43 7.00 4.97
C CYS B 11 4.46 6.67 6.01
N LEU B 12 5.10 5.51 5.88
CA LEU B 12 6.19 5.15 6.75
C LEU B 12 7.40 6.03 6.46
N LYS B 13 8.18 6.26 7.50
CA LYS B 13 9.52 6.84 7.35
C LYS B 13 10.45 5.99 6.50
N ASP B 14 11.43 6.68 5.89
CA ASP B 14 12.48 6.11 5.09
C ASP B 14 13.08 4.90 5.80
N ASN B 15 13.34 5.00 7.08
CA ASN B 15 14.07 3.89 7.70
C ASN B 15 13.22 2.62 8.07
N VAL B 16 11.92 2.66 7.79
CA VAL B 16 10.93 1.72 8.39
C VAL B 16 10.20 0.93 7.30
N SER B 17 10.18 -0.41 7.43
CA SER B 17 9.59 -1.30 6.39
C SER B 17 8.52 -2.32 6.85
N ILE B 18 7.79 -1.95 7.90
CA ILE B 18 6.72 -2.74 8.47
C ILE B 18 5.71 -3.10 7.39
N SER B 19 5.51 -4.38 7.11
CA SER B 19 4.58 -4.75 6.06
C SER B 19 3.19 -5.22 6.55
N GLU B 20 3.10 -5.74 7.77
CA GLU B 20 1.76 -6.18 8.27
C GLU B 20 0.90 -4.97 8.51
N TYR B 21 -0.30 -4.99 7.94
CA TYR B 21 -1.09 -3.77 7.79
C TYR B 21 -1.43 -3.19 9.18
N THR B 22 -1.86 -4.04 10.10
CA THR B 22 -2.32 -3.50 11.36
C THR B 22 -1.14 -2.92 12.12
N GLU B 23 0.03 -3.55 11.96
CA GLU B 23 1.27 -3.04 12.56
C GLU B 23 1.69 -1.73 11.92
N MET B 24 1.42 -1.54 10.64
CA MET B 24 1.67 -0.23 10.03
C MET B 24 0.78 0.87 10.63
N ILE B 25 -0.49 0.57 10.83
CA ILE B 25 -1.41 1.52 11.44
C ILE B 25 -0.93 1.84 12.86
N ASP B 26 -0.59 0.78 13.61
CA ASP B 26 -0.10 0.97 14.95
C ASP B 26 1.12 1.88 14.93
N TRP B 27 2.04 1.65 14.00
CA TRP B 27 3.23 2.51 13.94
C TRP B 27 2.82 3.97 13.74
N ALA B 28 1.81 4.21 12.91
CA ALA B 28 1.41 5.59 12.63
C ALA B 28 0.90 6.29 13.91
N TYR B 29 0.02 5.59 14.65
CA TYR B 29 -0.53 6.18 15.90
C TYR B 29 0.55 6.35 16.96
N LYS B 30 1.56 5.52 16.93
CA LYS B 30 2.70 5.67 17.81
C LYS B 30 3.72 6.69 17.34
N ASN B 31 3.56 7.17 16.10
CA ASN B 31 4.53 8.12 15.53
C ASN B 31 3.85 9.38 14.99
N ILE B 32 2.90 9.91 15.77
CA ILE B 32 2.20 11.15 15.38
C ILE B 32 3.18 12.31 15.27
N GLN B 33 4.33 12.20 15.91
CA GLN B 33 5.31 13.29 15.80
C GLN B 33 5.98 13.30 14.40
N SER B 34 5.84 12.21 13.65
CA SER B 34 6.53 12.09 12.39
C SER B 34 6.03 13.10 11.35
N GLU B 35 6.98 13.67 10.60
CA GLU B 35 6.64 14.51 9.46
C GLU B 35 5.88 13.74 8.37
N THR B 36 5.90 12.42 8.46
CA THR B 36 5.20 11.59 7.50
C THR B 36 3.79 11.21 7.96
N VAL B 37 3.35 11.71 9.11
CA VAL B 37 2.01 11.39 9.61
C VAL B 37 1.26 12.70 9.78
N VAL B 38 0.06 12.74 9.22
CA VAL B 38 -0.85 13.85 9.48
C VAL B 38 -2.06 13.34 10.25
N GLU B 39 -2.29 13.92 11.42
CA GLU B 39 -3.40 13.55 12.26
C GLU B 39 -4.46 14.65 12.03
N ILE B 40 -5.69 14.25 11.74
CA ILE B 40 -6.76 15.18 11.36
C ILE B 40 -7.95 14.96 12.31
N THR B 41 -8.32 16.03 13.01
CA THR B 41 -9.33 15.89 14.07
C THR B 41 -10.71 15.96 13.45
N GLU B 42 -11.71 15.56 14.23
CA GLU B 42 -13.13 15.66 13.84
C GLU B 42 -13.47 17.09 13.40
N ASN B 43 -13.00 18.12 14.12
CA ASN B 43 -13.29 19.52 13.67
C ASN B 43 -12.61 19.88 12.36
N GLN B 44 -11.41 19.35 12.16
CA GLN B 44 -10.71 19.60 10.90
C GLN B 44 -11.38 18.86 9.76
N ILE B 45 -11.90 17.67 10.04
CA ILE B 45 -12.63 17.00 8.98
C ILE B 45 -13.80 17.91 8.51
N ILE B 46 -14.54 18.47 9.47
CA ILE B 46 -15.68 19.35 9.12
C ILE B 46 -15.22 20.58 8.39
N GLU B 47 -14.21 21.23 8.93
CA GLU B 47 -13.71 22.45 8.34
C GLU B 47 -13.33 22.20 6.88
N TYR B 48 -12.57 21.15 6.65
CA TYR B 48 -12.06 20.91 5.31
C TYR B 48 -13.06 20.29 4.37
N GLN B 49 -14.05 19.60 4.94
CA GLN B 49 -15.24 19.18 4.20
C GLN B 49 -15.88 20.42 3.60
N ASN B 50 -16.18 21.43 4.43
CA ASN B 50 -16.92 22.58 3.94
C ASN B 50 -16.07 23.50 3.11
N ARG B 51 -14.74 23.42 3.22
CA ARG B 51 -13.88 24.22 2.34
C ARG B 51 -13.77 23.56 0.97
N GLY B 52 -14.10 22.27 0.90
CA GLY B 52 -14.05 21.52 -0.36
C GLY B 52 -12.75 20.73 -0.55
N LEU B 53 -11.98 20.54 0.51
CA LEU B 53 -10.74 19.72 0.40
C LEU B 53 -11.01 18.24 0.04
N TRP B 54 -11.90 17.59 0.78
CA TRP B 54 -12.16 16.19 0.50
C TRP B 54 -12.76 16.02 -0.89
N ARG B 55 -13.64 16.95 -1.29
CA ARG B 55 -14.16 16.91 -2.65
C ARG B 55 -13.02 17.01 -3.67
N LEU B 56 -12.07 17.93 -3.43
CA LEU B 56 -10.93 18.08 -4.33
C LEU B 56 -10.14 16.77 -4.47
N VAL B 57 -9.78 16.15 -3.35
CA VAL B 57 -9.05 14.88 -3.38
C VAL B 57 -9.83 13.78 -4.12
N SER B 58 -11.16 13.76 -3.92
CA SER B 58 -12.02 12.76 -4.53
C SER B 58 -12.03 12.88 -6.07
N GLU B 59 -11.73 14.07 -6.60
CA GLU B 59 -11.59 14.19 -8.05
C GLU B 59 -10.55 13.22 -8.59
N ILE B 60 -9.54 12.88 -7.78
CA ILE B 60 -8.56 11.88 -8.13
C ILE B 60 -8.97 10.53 -7.62
N THR B 61 -9.31 10.41 -6.35
CA THR B 61 -9.44 9.08 -5.78
C THR B 61 -10.85 8.48 -5.89
N ASP B 62 -11.83 9.29 -6.26
CA ASP B 62 -13.25 8.83 -6.32
C ASP B 62 -13.83 8.43 -4.95
N ASN B 63 -13.16 8.83 -3.87
CA ASN B 63 -13.63 8.53 -2.53
C ASN B 63 -13.73 9.82 -1.72
N TRP B 64 -14.50 9.78 -0.62
CA TRP B 64 -14.67 10.96 0.25
C TRP B 64 -15.22 12.16 -0.53
N LEU B 65 -16.27 11.91 -1.31
CA LEU B 65 -16.88 12.91 -2.17
C LEU B 65 -17.28 14.20 -1.46
N PHE B 66 -17.58 14.10 -0.16
CA PHE B 66 -17.86 15.28 0.69
C PHE B 66 -16.99 15.24 1.95
N GLY B 67 -16.80 14.02 2.46
CA GLY B 67 -15.94 13.85 3.61
C GLY B 67 -15.56 12.40 3.85
N PRO B 68 -14.56 12.20 4.72
CA PRO B 68 -14.04 10.93 5.21
C PRO B 68 -15.05 10.09 5.97
N SER B 69 -14.86 8.78 5.90
CA SER B 69 -15.68 7.82 6.65
C SER B 69 -14.74 6.77 7.18
N GLU B 70 -15.21 5.89 8.07
CA GLU B 70 -14.33 4.88 8.65
C GLU B 70 -13.91 3.91 7.55
N GLY B 71 -12.63 3.55 7.50
CA GLY B 71 -12.08 2.65 6.48
C GLY B 71 -10.59 2.84 6.20
N ASP B 72 -10.09 2.26 5.09
CA ASP B 72 -8.67 2.40 4.75
C ASP B 72 -8.46 2.59 3.25
N TRP B 73 -7.60 3.54 2.88
CA TRP B 73 -7.38 3.84 1.47
C TRP B 73 -5.86 3.82 1.27
N LEU B 74 -5.44 3.33 0.11
CA LEU B 74 -4.04 3.23 -0.21
C LEU B 74 -3.88 4.08 -1.46
N ILE B 75 -2.85 4.93 -1.48
CA ILE B 75 -2.60 5.87 -2.59
C ILE B 75 -1.23 5.46 -3.12
N ASP B 76 -1.15 5.16 -4.43
CA ASP B 76 0.07 4.76 -5.11
C ASP B 76 0.67 6.00 -5.81
N LYS B 77 1.92 5.92 -6.26
CA LYS B 77 2.69 7.06 -6.82
C LYS B 77 1.86 7.95 -7.77
N GLU B 78 1.14 7.33 -8.69
CA GLU B 78 0.42 8.11 -9.72
C GLU B 78 -0.64 8.98 -9.09
N SER B 79 -1.42 8.35 -8.22
CA SER B 79 -2.42 9.12 -7.52
C SER B 79 -1.78 10.10 -6.55
N ILE B 80 -0.69 9.69 -5.89
CA ILE B 80 0.03 10.62 -4.98
C ILE B 80 0.39 11.91 -5.72
N LEU B 81 0.98 11.75 -6.90
CA LEU B 81 1.35 12.91 -7.71
C LEU B 81 0.15 13.75 -8.15
N ALA B 82 -0.93 13.12 -8.54
CA ALA B 82 -2.10 13.84 -9.04
C ALA B 82 -2.75 14.59 -7.90
N VAL B 83 -2.83 13.93 -6.72
CA VAL B 83 -3.40 14.60 -5.54
C VAL B 83 -2.52 15.79 -5.16
N LYS B 84 -1.21 15.57 -5.10
CA LYS B 84 -0.30 16.64 -4.72
C LYS B 84 -0.45 17.85 -5.65
N GLU B 85 -0.51 17.56 -6.94
CA GLU B 85 -0.78 18.61 -7.91
C GLU B 85 -2.06 19.38 -7.68
N LYS B 86 -3.15 18.70 -7.35
CA LYS B 86 -4.39 19.40 -7.11
C LYS B 86 -4.26 20.27 -5.86
N LEU B 87 -3.62 19.74 -4.84
CA LEU B 87 -3.54 20.49 -3.59
C LEU B 87 -2.67 21.72 -3.80
N GLN B 88 -1.56 21.53 -4.47
CA GLN B 88 -0.65 22.65 -4.73
C GLN B 88 -1.27 23.81 -5.52
N ASN B 89 -2.22 23.50 -6.40
CA ASN B 89 -2.94 24.51 -7.18
C ASN B 89 -4.31 24.99 -6.59
N SER B 90 -4.64 24.53 -5.39
CA SER B 90 -5.93 24.82 -4.75
C SER B 90 -5.92 26.17 -4.04
N ASP B 91 -7.09 26.60 -3.62
CA ASP B 91 -7.29 27.86 -2.88
C ASP B 91 -6.84 27.73 -1.45
N PHE B 92 -6.57 26.50 -1.02
CA PHE B 92 -6.09 26.32 0.34
C PHE B 92 -4.66 25.77 0.36
N SER B 93 -3.92 25.94 -0.73
CA SER B 93 -2.59 25.38 -0.80
C SER B 93 -1.58 25.90 0.25
N THR B 94 -1.87 27.01 0.90
CA THR B 94 -0.91 27.50 1.90
C THR B 94 -1.42 27.29 3.33
N GLU B 95 -2.54 26.60 3.47
CA GLU B 95 -3.10 26.29 4.76
C GLU B 95 -2.26 25.19 5.43
N PRO B 96 -2.01 25.29 6.75
CA PRO B 96 -1.17 24.28 7.45
C PRO B 96 -1.57 22.84 7.18
N LEU B 97 -2.84 22.49 7.37
CA LEU B 97 -3.24 21.10 7.17
C LEU B 97 -2.88 20.67 5.75
N VAL B 98 -3.13 21.53 4.78
CA VAL B 98 -2.89 21.13 3.40
C VAL B 98 -1.43 21.01 3.11
N LYS B 99 -0.65 21.99 3.60
CA LYS B 99 0.80 21.87 3.51
C LYS B 99 1.29 20.53 4.14
N ASN B 100 0.72 20.16 5.28
CA ASN B 100 1.16 18.94 5.91
C ASN B 100 0.82 17.70 5.03
N ILE B 101 -0.36 17.70 4.43
CA ILE B 101 -0.72 16.60 3.55
C ILE B 101 0.24 16.56 2.36
N ILE B 102 0.45 17.71 1.73
CA ILE B 102 1.41 17.84 0.64
C ILE B 102 2.76 17.28 1.05
N HIS B 103 3.18 17.57 2.25
CA HIS B 103 4.49 17.13 2.64
C HIS B 103 4.57 15.61 2.69
N VAL B 104 3.56 14.96 3.26
CA VAL B 104 3.52 13.47 3.27
C VAL B 104 3.62 12.90 1.86
N LEU B 105 2.87 13.51 0.97
CA LEU B 105 2.88 13.11 -0.44
C LEU B 105 4.27 13.28 -1.06
N GLU B 106 4.90 14.42 -0.85
CA GLU B 106 6.26 14.60 -1.36
C GLU B 106 7.23 13.59 -0.77
N TYR B 107 7.15 13.36 0.55
CA TYR B 107 8.02 12.40 1.23
C TYR B 107 7.84 10.98 0.62
N ALA B 108 6.59 10.61 0.36
CA ALA B 108 6.25 9.29 -0.18
C ALA B 108 6.83 9.17 -1.58
N ILE B 109 6.75 10.26 -2.36
CA ILE B 109 7.36 10.25 -3.71
C ILE B 109 8.86 10.02 -3.60
N LYS B 110 9.52 10.84 -2.80
CA LYS B 110 10.97 10.80 -2.65
C LYS B 110 11.47 9.47 -2.08
N ASN B 111 10.73 8.90 -1.13
CA ASN B 111 11.25 7.69 -0.46
C ASN B 111 10.51 6.40 -0.90
N GLU B 112 9.79 6.49 -2.02
CA GLU B 112 9.08 5.38 -2.66
C GLU B 112 8.17 4.62 -1.67
N LYS B 113 7.18 5.34 -1.11
CA LYS B 113 6.26 4.78 -0.07
C LYS B 113 4.84 4.85 -0.52
N THR B 114 4.03 3.92 0.00
CA THR B 114 2.60 4.05 -0.27
C THR B 114 2.07 5.00 0.78
N VAL B 115 1.08 5.77 0.39
CA VAL B 115 0.39 6.66 1.36
C VAL B 115 -0.90 5.99 1.81
N ILE B 116 -1.20 6.07 3.10
CA ILE B 116 -2.38 5.42 3.65
C ILE B 116 -3.25 6.51 4.25
N PHE B 117 -4.55 6.39 4.00
CA PHE B 117 -5.55 7.18 4.72
C PHE B 117 -6.26 6.15 5.60
N HIS B 118 -6.29 6.42 6.90
CA HIS B 118 -6.89 5.46 7.84
C HIS B 118 -7.82 6.23 8.74
N PHE B 119 -9.07 5.79 8.82
CA PHE B 119 -10.06 6.35 9.77
C PHE B 119 -10.85 5.25 10.48
MG MG C . 0.83 3.84 -15.10
MG MG D . 14.73 4.65 1.62
#